data_7K33
#
_entry.id   7K33
#
_cell.length_a   151.500
_cell.length_b   151.500
_cell.length_c   119.380
_cell.angle_alpha   90.000
_cell.angle_beta   90.000
_cell.angle_gamma   120.000
#
_symmetry.space_group_name_H-M   'H 3'
#
loop_
_entity.id
_entity.type
_entity.pdbx_description
1 polymer 'Endonuclease Q'
2 polymer 'DNA (27-MER)'
3 polymer 'DNA (27-MER)'
4 non-polymer 'ZINC ION'
5 non-polymer 'MAGNESIUM ION'
#
loop_
_entity_poly.entity_id
_entity_poly.type
_entity_poly.pdbx_seq_one_letter_code
_entity_poly.pdbx_strand_id
1 'polypeptide(L)'
;MIVDGDLHIHSHYSKAVSKLMTFPIIAENAKLKGLNLVGTGDSLNPHWEKELLKHSKPIDDGTFEVNGVKFILTCEVEDK
RRVHHLLIFPTLSQVREFREKVKIYSTNIESEGRPNLNLTAEEIAEMANELDILIGPAHAFTPWTSLYKEYDSLKDAYGD
AKIDFLELGLSADSDMADMIKAHHSIPYLSNSNAHSPNPHRLGREFNRFEVKDVTFEEIRKAIKGVGGRKIMLNAGLDPR
LGKYHLTACSRCYTKYTLQDAVSLSWKCPKCGGIIKKGVRDRILELADTSEKPKDRPPYVRLAPLAEIIAMVLGKGIESK
AVKLLWNRFLREFGSEIRVLIDLPIESIASVHEGVAKAIWAYRNNKLIIVPGGGGKYGEIRIPEEILKAKIEDLNSIEIS
;
A
2 'polydeoxyribonucleotide'
;(DG)(DT)(DC)(DG)(DT)(DT)(DC)(DG)(DC)(DT)(DA)(DC)(DA)(DT)(DG)(DT)(DC)(DG)(DT)(DC)
(DG)(DG)(DT)(DC)(DT)(DG)(DC)
;
B
3 'polydeoxyribonucleotide'
;(DG)(DC)(DA)(DG)(DA)(DC)(DC)(DG)(DA)(DC)(DG)(DA)(DC)(3DR)(DT)(DG)(DT)(DA)(DG)
(DC)(DG)(DA)(DA)(DC)(DG)(DA)(DC)
;
C
#
loop_
_chem_comp.id
_chem_comp.type
_chem_comp.name
_chem_comp.formula
3DR DNA linking 1',2'-DIDEOXYRIBOFURANOSE-5'-PHOSPHATE 'C5 H11 O6 P'
DA DNA linking 2'-DEOXYADENOSINE-5'-MONOPHOSPHATE 'C10 H14 N5 O6 P'
DC DNA linking 2'-DEOXYCYTIDINE-5'-MONOPHOSPHATE 'C9 H14 N3 O7 P'
DG DNA linking 2'-DEOXYGUANOSINE-5'-MONOPHOSPHATE 'C10 H14 N5 O7 P'
DT DNA linking THYMIDINE-5'-MONOPHOSPHATE 'C10 H15 N2 O8 P'
MG non-polymer 'MAGNESIUM ION' 'Mg 2'
ZN non-polymer 'ZINC ION' 'Zn 2'
#
# COMPACT_ATOMS: atom_id res chain seq x y z
N MET A 1 13.60 17.12 7.90
CA MET A 1 12.25 16.95 8.44
C MET A 1 11.69 15.56 8.12
N ILE A 2 10.85 15.06 9.01
CA ILE A 2 10.25 13.74 8.89
C ILE A 2 8.87 13.88 8.26
N VAL A 3 8.61 13.09 7.22
CA VAL A 3 7.35 13.19 6.47
C VAL A 3 6.81 11.80 6.20
N ASP A 4 5.50 11.63 6.39
CA ASP A 4 4.81 10.39 6.08
C ASP A 4 4.12 10.54 4.73
N GLY A 5 4.26 9.53 3.87
CA GLY A 5 3.70 9.61 2.54
C GLY A 5 3.16 8.29 1.99
N ASP A 6 2.02 8.37 1.31
CA ASP A 6 1.42 7.22 0.61
C ASP A 6 1.37 7.57 -0.87
N LEU A 7 2.18 6.87 -1.66
CA LEU A 7 2.42 7.23 -3.06
C LEU A 7 1.77 6.25 -4.03
N HIS A 8 0.54 5.81 -3.73
CA HIS A 8 -0.14 4.85 -4.60
C HIS A 8 -1.63 4.88 -4.28
N ILE A 9 -2.37 5.71 -5.03
CA ILE A 9 -3.82 5.77 -4.95
C ILE A 9 -4.37 5.85 -6.36
N HIS A 10 -5.68 5.60 -6.47
CA HIS A 10 -6.38 5.65 -7.75
C HIS A 10 -7.50 6.69 -7.66
N SER A 11 -7.58 7.53 -8.69
CA SER A 11 -8.63 8.55 -8.74
C SER A 11 -9.96 7.90 -9.08
N HIS A 12 -11.00 8.73 -9.19
CA HIS A 12 -12.31 8.24 -9.56
C HIS A 12 -12.40 7.81 -11.03
N TYR A 13 -11.38 8.11 -11.84
CA TYR A 13 -11.37 7.67 -13.23
C TYR A 13 -11.08 6.19 -13.36
N SER A 14 -10.45 5.58 -12.36
CA SER A 14 -10.22 4.14 -12.37
C SER A 14 -11.54 3.40 -12.15
N LYS A 15 -11.50 2.08 -12.32
CA LYS A 15 -12.67 1.24 -12.19
C LYS A 15 -12.75 0.64 -10.80
N ALA A 16 -13.98 0.37 -10.36
CA ALA A 16 -14.26 -0.22 -9.05
C ALA A 16 -13.72 0.63 -7.90
N VAL A 17 -13.65 1.94 -8.11
CA VAL A 17 -13.18 2.87 -7.08
C VAL A 17 -14.36 3.69 -6.58
N SER A 18 -14.10 4.62 -5.66
CA SER A 18 -15.13 5.48 -5.12
C SER A 18 -15.21 6.78 -5.89
N LYS A 19 -16.43 7.28 -6.10
CA LYS A 19 -16.59 8.56 -6.77
C LYS A 19 -16.17 9.74 -5.90
N LEU A 20 -16.00 9.52 -4.60
CA LEU A 20 -15.53 10.55 -3.69
C LEU A 20 -14.01 10.70 -3.71
N MET A 21 -13.33 10.01 -4.63
CA MET A 21 -11.86 10.03 -4.68
C MET A 21 -11.39 11.18 -5.56
N THR A 22 -11.52 12.39 -5.00
CA THR A 22 -11.10 13.62 -5.65
C THR A 22 -10.04 14.31 -4.79
N PHE A 23 -9.42 15.33 -5.37
CA PHE A 23 -8.34 16.04 -4.67
C PHE A 23 -8.75 16.62 -3.33
N PRO A 24 -9.85 17.39 -3.22
CA PRO A 24 -10.19 17.96 -1.90
C PRO A 24 -10.48 16.90 -0.83
N ILE A 25 -11.25 15.87 -1.17
CA ILE A 25 -11.59 14.86 -0.17
C ILE A 25 -10.34 14.08 0.25
N ILE A 26 -9.50 13.71 -0.71
CA ILE A 26 -8.27 13.00 -0.39
C ILE A 26 -7.38 13.86 0.50
N ALA A 27 -7.24 15.15 0.18
CA ALA A 27 -6.42 16.04 0.98
C ALA A 27 -6.96 16.17 2.41
N GLU A 28 -8.29 16.32 2.54
CA GLU A 28 -8.88 16.45 3.86
C GLU A 28 -8.66 15.18 4.68
N ASN A 29 -8.90 14.01 4.09
CA ASN A 29 -8.75 12.76 4.81
C ASN A 29 -7.30 12.50 5.18
N ALA A 30 -6.35 12.88 4.31
CA ALA A 30 -4.95 12.70 4.61
C ALA A 30 -4.50 13.64 5.72
N LYS A 31 -4.98 14.89 5.71
CA LYS A 31 -4.63 15.82 6.77
C LYS A 31 -5.23 15.39 8.10
N LEU A 32 -6.43 14.80 8.07
CA LEU A 32 -7.03 14.31 9.31
C LEU A 32 -6.34 13.05 9.81
N LYS A 33 -5.83 12.22 8.90
CA LYS A 33 -5.13 11.00 9.27
C LYS A 33 -3.64 11.25 9.55
N GLY A 34 -3.21 12.50 9.56
CA GLY A 34 -1.82 12.82 9.83
C GLY A 34 -0.87 12.37 8.74
N LEU A 35 -1.24 12.56 7.47
CA LEU A 35 -0.44 12.14 6.33
C LEU A 35 0.11 13.38 5.64
N ASN A 36 1.44 13.50 5.63
CA ASN A 36 2.08 14.70 5.09
C ASN A 36 2.04 14.71 3.57
N LEU A 37 2.50 13.62 2.94
CA LEU A 37 2.60 13.53 1.49
C LEU A 37 1.63 12.49 0.96
N VAL A 38 1.06 12.76 -0.22
CA VAL A 38 0.16 11.83 -0.89
C VAL A 38 0.47 11.86 -2.38
N GLY A 39 0.66 10.68 -2.97
CA GLY A 39 0.87 10.61 -4.40
C GLY A 39 -0.40 10.94 -5.16
N THR A 40 -0.23 11.54 -6.35
CA THR A 40 -1.37 11.92 -7.15
C THR A 40 -2.14 10.69 -7.65
N GLY A 41 -1.45 9.77 -8.29
CA GLY A 41 -2.09 8.59 -8.85
C GLY A 41 -2.81 8.89 -10.14
N ASP A 42 -2.76 7.97 -11.10
CA ASP A 42 -3.43 8.12 -12.39
C ASP A 42 -2.97 9.37 -13.14
N SER A 43 -1.70 9.74 -12.98
CA SER A 43 -1.19 10.98 -13.57
C SER A 43 -1.14 10.92 -15.09
N LEU A 44 -1.25 9.74 -15.69
CA LEU A 44 -1.25 9.66 -17.16
C LEU A 44 -2.58 10.12 -17.76
N ASN A 45 -3.65 10.14 -16.97
CA ASN A 45 -4.93 10.60 -17.48
C ASN A 45 -4.94 12.12 -17.56
N PRO A 46 -5.32 12.70 -18.70
CA PRO A 46 -5.27 14.17 -18.83
C PRO A 46 -6.33 14.89 -18.00
N HIS A 47 -7.50 14.28 -17.80
CA HIS A 47 -8.54 14.93 -16.99
C HIS A 47 -8.09 15.06 -15.54
N TRP A 48 -7.42 14.03 -15.01
CA TRP A 48 -6.87 14.13 -13.66
C TRP A 48 -5.78 15.19 -13.58
N GLU A 49 -5.01 15.35 -14.65
CA GLU A 49 -4.01 16.43 -14.70
C GLU A 49 -4.68 17.79 -14.66
N LYS A 50 -5.79 17.94 -15.39
CA LYS A 50 -6.53 19.21 -15.35
C LYS A 50 -7.08 19.48 -13.96
N GLU A 51 -7.65 18.45 -13.31
CA GLU A 51 -8.15 18.63 -11.95
C GLU A 51 -7.04 18.99 -10.98
N LEU A 52 -5.85 18.40 -11.16
CA LEU A 52 -4.72 18.73 -10.31
C LEU A 52 -4.30 20.18 -10.51
N LEU A 53 -4.16 20.61 -11.76
CA LEU A 53 -3.78 21.99 -12.04
C LEU A 53 -4.85 22.98 -11.57
N LYS A 54 -6.10 22.53 -11.47
CA LYS A 54 -7.17 23.42 -11.02
C LYS A 54 -7.19 23.55 -9.51
N HIS A 55 -7.14 22.43 -8.79
CA HIS A 55 -7.35 22.44 -7.34
C HIS A 55 -6.09 22.70 -6.53
N SER A 56 -4.90 22.54 -7.11
CA SER A 56 -3.67 22.61 -6.35
C SER A 56 -2.86 23.86 -6.70
N LYS A 57 -1.84 24.10 -5.90
CA LYS A 57 -0.86 25.16 -6.11
C LYS A 57 0.54 24.53 -6.20
N PRO A 58 1.35 24.97 -7.17
CA PRO A 58 2.63 24.29 -7.41
C PRO A 58 3.70 24.70 -6.42
N ILE A 59 4.44 23.71 -5.94
CA ILE A 59 5.64 23.98 -5.14
C ILE A 59 6.83 24.24 -6.06
N ASP A 60 7.09 23.33 -6.99
CA ASP A 60 8.09 23.55 -8.04
C ASP A 60 7.50 23.17 -9.39
N ASP A 61 8.20 22.32 -10.14
CA ASP A 61 7.71 21.83 -11.42
C ASP A 61 7.19 20.40 -11.37
N GLY A 62 7.26 19.76 -10.21
CA GLY A 62 6.80 18.38 -10.08
C GLY A 62 6.15 18.08 -8.75
N THR A 63 6.15 19.05 -7.84
CA THR A 63 5.54 18.92 -6.53
C THR A 63 4.43 19.94 -6.41
N PHE A 64 3.25 19.51 -6.00
CA PHE A 64 2.09 20.38 -5.84
C PHE A 64 1.60 20.33 -4.40
N GLU A 65 0.66 21.22 -4.07
CA GLU A 65 0.14 21.27 -2.71
C GLU A 65 -1.33 21.66 -2.75
N VAL A 66 -2.11 21.04 -1.88
CA VAL A 66 -3.54 21.34 -1.72
C VAL A 66 -3.94 21.06 -0.29
N ASN A 67 -4.54 22.05 0.37
CA ASN A 67 -4.99 21.94 1.75
C ASN A 67 -3.85 21.52 2.69
N GLY A 68 -2.67 22.06 2.43
CA GLY A 68 -1.50 21.72 3.22
C GLY A 68 -0.93 20.35 2.99
N VAL A 69 -1.40 19.64 1.97
CA VAL A 69 -0.93 18.28 1.66
C VAL A 69 -0.15 18.34 0.35
N LYS A 70 1.07 17.82 0.37
CA LYS A 70 1.89 17.79 -0.83
C LYS A 70 1.51 16.61 -1.72
N PHE A 71 1.86 16.73 -2.99
CA PHE A 71 1.47 15.76 -4.01
C PHE A 71 2.58 15.60 -5.03
N ILE A 72 2.95 14.36 -5.32
N ILE A 72 2.93 14.35 -5.33
CA ILE A 72 3.93 14.05 -6.34
CA ILE A 72 3.94 14.00 -6.32
C ILE A 72 3.28 13.15 -7.40
C ILE A 72 3.28 13.14 -7.40
N LEU A 73 3.74 13.30 -8.64
CA LEU A 73 3.12 12.64 -9.78
C LEU A 73 3.40 11.13 -9.75
N THR A 74 2.34 10.33 -9.59
CA THR A 74 2.44 8.88 -9.57
C THR A 74 1.33 8.30 -10.45
N CYS A 75 1.50 7.03 -10.83
CA CYS A 75 0.49 6.35 -11.65
C CYS A 75 0.79 4.86 -11.71
N GLU A 76 -0.25 4.04 -11.54
CA GLU A 76 -0.17 2.60 -11.77
C GLU A 76 -0.71 2.30 -13.16
N VAL A 77 0.01 1.44 -13.89
CA VAL A 77 -0.35 1.05 -15.25
C VAL A 77 -0.35 -0.47 -15.33
N GLU A 78 -0.92 -1.00 -16.40
CA GLU A 78 -0.99 -2.43 -16.63
C GLU A 78 -0.15 -2.82 -17.84
N ASP A 79 0.34 -4.06 -17.82
CA ASP A 79 1.26 -4.58 -18.81
C ASP A 79 0.51 -5.39 -19.86
N LYS A 80 1.17 -5.62 -21.00
CA LYS A 80 0.63 -6.52 -22.00
C LYS A 80 0.44 -7.93 -21.44
N ARG A 81 1.31 -8.35 -20.52
CA ARG A 81 1.14 -9.59 -19.78
C ARG A 81 0.26 -9.43 -18.55
N ARG A 82 -0.41 -8.28 -18.41
CA ARG A 82 -1.31 -7.99 -17.29
C ARG A 82 -0.55 -7.95 -15.96
N VAL A 83 0.39 -7.01 -15.87
CA VAL A 83 1.22 -6.82 -14.68
C VAL A 83 1.14 -5.36 -14.26
N HIS A 84 0.90 -5.12 -12.97
CA HIS A 84 0.83 -3.75 -12.46
C HIS A 84 2.24 -3.17 -12.31
N HIS A 85 2.40 -1.93 -12.77
CA HIS A 85 3.66 -1.21 -12.66
C HIS A 85 3.39 0.20 -12.15
N LEU A 86 4.05 0.57 -11.06
CA LEU A 86 3.92 1.90 -10.48
C LEU A 86 5.04 2.79 -10.98
N LEU A 87 4.69 4.04 -11.32
CA LEU A 87 5.63 5.00 -11.88
C LEU A 87 5.52 6.31 -11.14
N ILE A 88 6.69 6.90 -10.85
CA ILE A 88 6.82 8.21 -10.23
C ILE A 88 7.52 9.12 -11.22
N PHE A 89 6.96 10.31 -11.45
CA PHE A 89 7.44 11.22 -12.48
C PHE A 89 8.10 12.45 -11.86
N PRO A 90 9.26 12.87 -12.40
CA PRO A 90 9.93 14.06 -11.88
C PRO A 90 9.09 15.33 -11.99
N THR A 91 8.71 15.70 -13.21
CA THR A 91 7.95 16.91 -13.47
C THR A 91 6.75 16.57 -14.34
N LEU A 92 5.96 17.61 -14.64
CA LEU A 92 4.79 17.40 -15.50
C LEU A 92 5.19 17.24 -16.96
N SER A 93 6.33 17.81 -17.35
CA SER A 93 6.83 17.60 -18.70
C SER A 93 7.13 16.13 -18.96
N GLN A 94 7.73 15.45 -17.97
CA GLN A 94 7.95 14.01 -18.09
C GLN A 94 6.62 13.26 -18.22
N VAL A 95 5.60 13.70 -17.48
CA VAL A 95 4.28 13.07 -17.57
C VAL A 95 3.73 13.18 -18.99
N ARG A 96 3.76 14.40 -19.54
CA ARG A 96 3.21 14.61 -20.88
C ARG A 96 4.01 13.85 -21.94
N GLU A 97 5.34 13.81 -21.78
CA GLU A 97 6.18 13.12 -22.75
C GLU A 97 5.91 11.62 -22.71
N PHE A 98 5.83 11.03 -21.50
CA PHE A 98 5.55 9.61 -21.38
C PHE A 98 4.15 9.29 -21.90
N ARG A 99 3.20 10.21 -21.69
CA ARG A 99 1.84 10.00 -22.19
C ARG A 99 1.82 9.97 -23.71
N GLU A 100 2.32 11.04 -24.34
CA GLU A 100 2.30 11.12 -25.80
C GLU A 100 3.16 10.01 -26.42
N LYS A 101 4.15 9.51 -25.68
CA LYS A 101 5.01 8.45 -26.21
C LYS A 101 4.29 7.12 -26.32
N VAL A 102 3.25 6.89 -25.53
CA VAL A 102 2.58 5.60 -25.47
C VAL A 102 1.13 5.68 -25.97
N LYS A 103 0.72 6.81 -26.53
CA LYS A 103 -0.63 6.90 -27.08
C LYS A 103 -0.83 5.92 -28.23
N ILE A 104 0.23 5.60 -28.97
CA ILE A 104 0.16 4.62 -30.04
C ILE A 104 0.13 3.19 -29.53
N TYR A 105 0.42 2.98 -28.25
CA TYR A 105 0.46 1.64 -27.66
C TYR A 105 -0.74 1.35 -26.76
N SER A 106 -1.68 2.29 -26.63
CA SER A 106 -2.84 2.11 -25.77
C SER A 106 -4.07 2.72 -26.42
N THR A 107 -5.24 2.32 -25.92
CA THR A 107 -6.51 2.84 -26.40
C THR A 107 -7.33 3.54 -25.32
N ASN A 108 -7.04 3.32 -24.04
CA ASN A 108 -7.78 3.95 -22.95
C ASN A 108 -6.88 4.82 -22.09
N ILE A 109 -5.77 5.33 -22.64
CA ILE A 109 -4.87 6.16 -21.86
C ILE A 109 -5.55 7.47 -21.45
N GLU A 110 -6.40 8.00 -22.32
CA GLU A 110 -7.18 9.20 -22.04
C GLU A 110 -8.60 8.84 -21.59
N SER A 111 -8.75 7.78 -20.80
CA SER A 111 -10.07 7.32 -20.42
C SER A 111 -10.09 6.67 -19.04
N GLU A 112 -8.99 6.03 -18.65
CA GLU A 112 -8.93 5.27 -17.41
C GLU A 112 -7.75 5.71 -16.57
N GLY A 113 -7.84 5.42 -15.26
CA GLY A 113 -6.80 5.76 -14.33
C GLY A 113 -5.60 4.83 -14.41
N ARG A 114 -5.81 3.54 -14.15
CA ARG A 114 -4.81 2.51 -14.40
C ARG A 114 -5.08 1.95 -15.79
N PRO A 115 -4.33 2.40 -16.81
CA PRO A 115 -4.66 2.02 -18.19
C PRO A 115 -3.95 0.75 -18.63
N ASN A 116 -4.16 0.35 -19.89
CA ASN A 116 -3.57 -0.86 -20.45
C ASN A 116 -2.60 -0.46 -21.53
N LEU A 117 -1.31 -0.73 -21.31
CA LEU A 117 -0.25 -0.43 -22.27
C LEU A 117 0.21 -1.74 -22.90
N ASN A 118 0.09 -1.83 -24.23
CA ASN A 118 0.50 -3.03 -24.95
C ASN A 118 2.00 -2.99 -25.19
N LEU A 119 2.75 -3.16 -24.09
CA LEU A 119 4.20 -3.09 -24.12
C LEU A 119 4.77 -4.10 -23.13
N THR A 120 5.94 -4.64 -23.46
CA THR A 120 6.65 -5.53 -22.56
C THR A 120 7.12 -4.76 -21.34
N ALA A 121 7.21 -5.46 -20.20
CA ALA A 121 7.74 -4.85 -18.99
C ALA A 121 9.14 -4.30 -19.23
N GLU A 122 9.96 -5.02 -20.02
CA GLU A 122 11.27 -4.51 -20.38
C GLU A 122 11.16 -3.20 -21.13
N GLU A 123 10.24 -3.11 -22.09
CA GLU A 123 10.07 -1.89 -22.87
C GLU A 123 9.59 -0.74 -21.99
N ILE A 124 8.64 -1.00 -21.10
CA ILE A 124 8.12 0.04 -20.22
C ILE A 124 9.23 0.56 -19.31
N ALA A 125 10.01 -0.36 -18.73
CA ALA A 125 11.08 0.04 -17.84
C ALA A 125 12.17 0.80 -18.58
N GLU A 126 12.46 0.41 -19.83
CA GLU A 126 13.46 1.13 -20.62
C GLU A 126 12.99 2.54 -20.93
N MET A 127 11.72 2.69 -21.33
CA MET A 127 11.18 4.03 -21.57
C MET A 127 11.18 4.87 -20.29
N ALA A 128 10.94 4.23 -19.13
CA ALA A 128 10.96 4.96 -17.88
C ALA A 128 12.36 5.43 -17.53
N ASN A 129 13.36 4.55 -17.65
CA ASN A 129 14.73 4.94 -17.36
C ASN A 129 15.25 5.97 -18.35
N GLU A 130 14.72 5.97 -19.58
CA GLU A 130 15.16 6.95 -20.56
C GLU A 130 14.81 8.37 -20.13
N LEU A 131 13.65 8.55 -19.51
CA LEU A 131 13.21 9.85 -19.02
C LEU A 131 13.39 10.02 -17.52
N ASP A 132 14.23 9.17 -16.90
CA ASP A 132 14.49 9.21 -15.47
C ASP A 132 13.21 9.08 -14.65
N ILE A 133 12.29 8.24 -15.14
CA ILE A 133 11.04 7.96 -14.45
C ILE A 133 11.28 6.79 -13.51
N LEU A 134 10.81 6.92 -12.26
CA LEU A 134 10.94 5.83 -11.30
C LEU A 134 9.88 4.77 -11.59
N ILE A 135 10.28 3.51 -11.67
CA ILE A 135 9.37 2.43 -12.02
C ILE A 135 9.61 1.24 -11.08
N GLY A 136 8.52 0.61 -10.65
CA GLY A 136 8.61 -0.54 -9.79
C GLY A 136 7.39 -1.45 -9.88
N PRO A 137 7.59 -2.75 -9.70
CA PRO A 137 6.46 -3.68 -9.71
C PRO A 137 5.54 -3.49 -8.52
N ALA A 138 4.35 -2.94 -8.77
CA ALA A 138 3.42 -2.60 -7.69
C ALA A 138 2.66 -3.86 -7.25
N HIS A 139 2.61 -4.06 -5.94
CA HIS A 139 2.01 -5.25 -5.31
C HIS A 139 2.34 -6.52 -6.08
N ALA A 140 3.64 -6.80 -6.19
CA ALA A 140 4.16 -7.79 -7.12
C ALA A 140 4.01 -9.23 -6.64
N PHE A 141 3.11 -9.46 -5.68
CA PHE A 141 2.86 -10.79 -5.18
C PHE A 141 1.42 -11.25 -5.36
N THR A 142 0.56 -10.40 -5.92
CA THR A 142 -0.84 -10.76 -6.10
C THR A 142 -0.97 -11.83 -7.18
N PRO A 143 -1.70 -12.92 -6.93
CA PRO A 143 -1.88 -13.96 -7.94
C PRO A 143 -2.81 -13.57 -9.08
N TRP A 144 -3.22 -12.31 -9.18
CA TRP A 144 -4.09 -11.86 -10.26
C TRP A 144 -3.33 -10.94 -11.22
N THR A 145 -2.94 -9.75 -10.77
CA THR A 145 -2.24 -8.76 -11.61
C THR A 145 -0.99 -8.31 -10.86
N SER A 146 0.09 -9.09 -10.98
CA SER A 146 1.36 -8.75 -10.37
C SER A 146 2.48 -9.30 -11.25
N LEU A 147 3.71 -9.14 -10.76
CA LEU A 147 4.88 -9.61 -11.52
C LEU A 147 5.13 -11.09 -11.28
N TYR A 148 5.20 -11.51 -10.02
CA TYR A 148 5.54 -12.89 -9.70
C TYR A 148 4.41 -13.87 -9.95
N LYS A 149 3.20 -13.39 -10.26
CA LYS A 149 2.16 -14.28 -10.76
C LYS A 149 2.38 -14.65 -12.22
N GLU A 150 3.17 -13.85 -12.95
CA GLU A 150 3.47 -14.09 -14.35
C GLU A 150 4.90 -14.50 -14.59
N TYR A 151 5.86 -13.87 -13.92
CA TYR A 151 7.27 -14.19 -14.06
C TYR A 151 7.80 -14.84 -12.78
N ASP A 152 9.02 -15.37 -12.88
CA ASP A 152 9.67 -16.01 -11.74
C ASP A 152 10.77 -15.16 -11.12
N SER A 153 11.22 -14.10 -11.78
CA SER A 153 12.25 -13.24 -11.25
C SER A 153 12.16 -11.88 -11.92
N LEU A 154 12.80 -10.89 -11.30
CA LEU A 154 12.81 -9.55 -11.88
C LEU A 154 13.66 -9.48 -13.14
N LYS A 155 14.74 -10.28 -13.20
CA LYS A 155 15.59 -10.28 -14.38
C LYS A 155 14.85 -10.85 -15.59
N ASP A 156 13.99 -11.85 -15.36
CA ASP A 156 13.20 -12.41 -16.45
C ASP A 156 12.08 -11.48 -16.89
N ALA A 157 11.68 -10.53 -16.04
CA ALA A 157 10.61 -9.61 -16.36
C ALA A 157 11.10 -8.33 -17.02
N TYR A 158 12.27 -7.83 -16.60
CA TYR A 158 12.82 -6.59 -17.14
C TYR A 158 14.03 -6.77 -18.04
N GLY A 159 14.76 -7.89 -17.91
CA GLY A 159 15.93 -8.12 -18.73
C GLY A 159 17.04 -7.10 -18.51
N ASP A 160 17.42 -6.41 -19.58
CA ASP A 160 18.47 -5.41 -19.52
C ASP A 160 18.02 -4.09 -18.91
N ALA A 161 16.83 -4.04 -18.32
CA ALA A 161 16.29 -2.82 -17.73
C ALA A 161 16.57 -2.79 -16.23
N LYS A 162 16.42 -1.60 -15.65
CA LYS A 162 16.65 -1.38 -14.23
C LYS A 162 15.44 -0.71 -13.62
N ILE A 163 15.04 -1.17 -12.44
CA ILE A 163 13.94 -0.59 -11.71
C ILE A 163 14.49 0.24 -10.55
N ASP A 164 13.60 1.00 -9.91
CA ASP A 164 13.99 1.91 -8.83
C ASP A 164 13.42 1.56 -7.48
N PHE A 165 12.42 0.68 -7.40
CA PHE A 165 11.81 0.31 -6.13
C PHE A 165 11.01 -0.99 -6.35
N LEU A 166 10.27 -1.37 -5.32
CA LEU A 166 9.38 -2.54 -5.42
C LEU A 166 8.34 -2.40 -4.32
N GLU A 167 7.08 -2.24 -4.71
CA GLU A 167 6.01 -2.10 -3.72
C GLU A 167 5.72 -3.45 -3.10
N LEU A 168 5.77 -3.52 -1.77
CA LEU A 168 5.48 -4.77 -1.07
C LEU A 168 4.00 -5.12 -1.16
N GLY A 169 3.16 -4.28 -0.59
CA GLY A 169 1.72 -4.50 -0.59
C GLY A 169 1.20 -4.85 0.79
N LEU A 170 -0.09 -5.18 0.82
CA LEU A 170 -0.75 -5.49 2.08
C LEU A 170 -0.24 -6.80 2.66
N SER A 171 -0.44 -7.89 1.92
CA SER A 171 -0.15 -9.25 2.36
C SER A 171 1.35 -9.54 2.54
N ALA A 172 2.26 -8.58 2.43
CA ALA A 172 3.69 -8.83 2.57
C ALA A 172 4.32 -7.76 3.46
N ASP A 173 5.48 -8.13 4.02
CA ASP A 173 6.28 -7.18 4.80
C ASP A 173 7.73 -7.22 4.33
N SER A 174 8.63 -6.59 5.08
CA SER A 174 10.00 -6.45 4.62
C SER A 174 10.79 -7.76 4.74
N ASP A 175 10.47 -8.59 5.73
CA ASP A 175 11.26 -9.80 5.96
C ASP A 175 11.04 -10.82 4.86
N MET A 176 9.78 -11.19 4.61
CA MET A 176 9.49 -12.18 3.58
C MET A 176 9.92 -11.70 2.20
N ALA A 177 9.88 -10.39 1.97
CA ALA A 177 10.38 -9.84 0.71
C ALA A 177 11.90 -9.95 0.63
N ASP A 178 12.58 -9.65 1.74
CA ASP A 178 14.04 -9.78 1.81
C ASP A 178 14.51 -11.23 1.76
N MET A 179 13.60 -12.19 1.94
CA MET A 179 13.98 -13.59 1.78
C MET A 179 14.47 -13.92 0.38
N ILE A 180 14.26 -13.03 -0.60
CA ILE A 180 14.84 -13.16 -1.93
C ILE A 180 16.11 -12.34 -1.98
N LYS A 181 17.18 -12.95 -2.49
CA LYS A 181 18.50 -12.31 -2.42
C LYS A 181 18.57 -11.06 -3.30
N ALA A 182 18.06 -11.15 -4.53
CA ALA A 182 18.09 -9.99 -5.42
C ALA A 182 17.37 -8.79 -4.81
N HIS A 183 16.26 -9.04 -4.11
CA HIS A 183 15.49 -7.98 -3.48
C HIS A 183 16.32 -7.19 -2.48
N HIS A 184 17.48 -7.71 -2.06
CA HIS A 184 18.33 -6.97 -1.14
C HIS A 184 18.86 -5.69 -1.77
N SER A 185 18.98 -5.65 -3.09
CA SER A 185 19.54 -4.49 -3.79
C SER A 185 18.48 -3.48 -4.21
N ILE A 186 17.26 -3.59 -3.69
CA ILE A 186 16.16 -2.74 -4.14
C ILE A 186 15.41 -2.15 -2.95
N PRO A 187 15.14 -0.85 -2.95
CA PRO A 187 14.34 -0.28 -1.85
C PRO A 187 12.89 -0.71 -1.94
N TYR A 188 12.24 -0.75 -0.76
CA TYR A 188 10.86 -1.18 -0.65
C TYR A 188 9.93 0.02 -0.47
N LEU A 189 8.66 -0.20 -0.81
CA LEU A 189 7.62 0.81 -0.63
C LEU A 189 6.38 0.13 -0.08
N SER A 190 5.91 0.61 1.07
CA SER A 190 4.69 0.10 1.69
C SER A 190 3.57 1.09 1.36
N ASN A 191 2.86 0.80 0.27
CA ASN A 191 1.78 1.65 -0.22
C ASN A 191 0.44 0.94 -0.07
N SER A 192 -0.62 1.62 -0.48
CA SER A 192 -1.98 1.13 -0.26
C SER A 192 -2.69 0.67 -1.52
N ASN A 193 -2.38 1.23 -2.69
CA ASN A 193 -3.19 1.06 -3.90
C ASN A 193 -4.66 1.23 -3.55
N ALA A 194 -4.96 2.25 -2.75
CA ALA A 194 -6.29 2.40 -2.17
C ALA A 194 -7.26 3.05 -3.16
N HIS A 195 -8.54 2.75 -2.96
CA HIS A 195 -9.60 3.24 -3.83
C HIS A 195 -10.59 4.16 -3.13
N SER A 196 -10.71 4.09 -1.82
CA SER A 196 -11.68 4.88 -1.07
C SER A 196 -10.96 5.82 -0.10
N PRO A 197 -11.50 7.01 0.14
CA PRO A 197 -10.85 7.93 1.08
C PRO A 197 -11.26 7.69 2.53
N ASN A 198 -11.67 6.45 2.83
CA ASN A 198 -12.10 6.11 4.18
C ASN A 198 -10.90 5.95 5.11
N PRO A 199 -11.13 6.07 6.43
CA PRO A 199 -10.04 5.89 7.39
C PRO A 199 -9.19 4.65 7.16
N HIS A 200 -9.83 3.48 7.12
CA HIS A 200 -9.12 2.21 6.98
C HIS A 200 -8.61 1.96 5.57
N ARG A 201 -8.95 2.81 4.61
CA ARG A 201 -8.55 2.62 3.22
C ARG A 201 -7.40 3.55 2.83
N LEU A 202 -7.63 4.86 2.86
CA LEU A 202 -6.60 5.82 2.48
C LEU A 202 -5.47 5.80 3.50
N GLY A 203 -4.26 5.55 3.04
CA GLY A 203 -3.11 5.56 3.92
C GLY A 203 -3.02 4.39 4.87
N ARG A 204 -3.50 3.21 4.45
CA ARG A 204 -3.34 2.03 5.30
C ARG A 204 -1.88 1.61 5.40
N GLU A 205 -1.09 1.86 4.36
CA GLU A 205 0.35 1.64 4.38
C GLU A 205 1.01 2.89 3.81
N PHE A 206 2.04 3.38 4.51
CA PHE A 206 2.77 4.56 4.08
C PHE A 206 4.25 4.38 4.39
N ASN A 207 5.04 5.39 4.02
CA ASN A 207 6.49 5.36 4.21
C ASN A 207 6.89 6.67 4.88
N ARG A 208 7.75 6.57 5.90
CA ARG A 208 8.24 7.72 6.64
C ARG A 208 9.67 8.01 6.18
N PHE A 209 9.85 9.19 5.60
CA PHE A 209 11.13 9.62 5.05
C PHE A 209 11.72 10.74 5.90
N GLU A 210 13.05 10.80 5.90
CA GLU A 210 13.80 11.94 6.42
C GLU A 210 14.28 12.76 5.23
N VAL A 211 13.82 14.01 5.15
CA VAL A 211 14.15 14.90 4.04
C VAL A 211 14.48 16.28 4.61
N LYS A 212 14.93 17.16 3.72
CA LYS A 212 15.19 18.56 4.07
C LYS A 212 14.01 19.46 3.73
N ASP A 213 13.46 19.30 2.53
CA ASP A 213 12.23 19.95 2.12
C ASP A 213 11.32 18.91 1.49
N VAL A 214 10.07 19.29 1.26
CA VAL A 214 9.08 18.37 0.70
C VAL A 214 8.99 18.65 -0.79
N THR A 215 9.77 17.90 -1.57
CA THR A 215 9.75 18.01 -3.02
C THR A 215 10.04 16.63 -3.61
N PHE A 216 9.90 16.53 -4.94
CA PHE A 216 10.15 15.25 -5.59
C PHE A 216 11.61 14.85 -5.47
N GLU A 217 12.53 15.81 -5.62
CA GLU A 217 13.95 15.47 -5.59
C GLU A 217 14.36 14.92 -4.23
N GLU A 218 13.82 15.48 -3.16
CA GLU A 218 14.12 14.97 -1.83
C GLU A 218 13.56 13.56 -1.65
N ILE A 219 12.38 13.29 -2.20
CA ILE A 219 11.82 11.95 -2.12
C ILE A 219 12.67 10.96 -2.89
N ARG A 220 13.17 11.36 -4.07
CA ARG A 220 14.06 10.51 -4.84
C ARG A 220 15.36 10.23 -4.09
N LYS A 221 15.92 11.24 -3.45
CA LYS A 221 17.15 11.06 -2.68
C LYS A 221 16.90 10.14 -1.48
N ALA A 222 15.73 10.26 -0.84
CA ALA A 222 15.42 9.39 0.29
C ALA A 222 15.20 7.96 -0.16
N ILE A 223 14.61 7.77 -1.34
CA ILE A 223 14.44 6.42 -1.88
C ILE A 223 15.80 5.80 -2.20
N LYS A 224 16.67 6.56 -2.87
CA LYS A 224 18.02 6.08 -3.15
C LYS A 224 18.92 6.10 -1.92
N GLY A 225 18.50 6.76 -0.84
CA GLY A 225 19.28 6.79 0.38
C GLY A 225 20.60 7.54 0.22
N VAL A 226 20.53 8.77 -0.26
CA VAL A 226 21.71 9.57 -0.54
C VAL A 226 21.55 10.97 0.04
N GLY A 227 22.69 11.60 0.32
CA GLY A 227 22.70 12.98 0.79
C GLY A 227 21.99 13.20 2.11
N GLY A 228 22.02 12.23 3.01
CA GLY A 228 21.34 12.33 4.27
C GLY A 228 19.87 11.97 4.25
N ARG A 229 19.24 11.99 3.07
CA ARG A 229 17.85 11.59 2.96
C ARG A 229 17.76 10.07 2.86
N LYS A 230 16.72 9.51 3.47
CA LYS A 230 16.58 8.06 3.55
C LYS A 230 15.15 7.71 3.91
N ILE A 231 14.71 6.55 3.45
CA ILE A 231 13.42 5.98 3.85
C ILE A 231 13.64 5.36 5.23
N MET A 232 13.29 6.09 6.28
CA MET A 232 13.59 5.64 7.64
C MET A 232 12.54 4.72 8.24
N LEU A 233 11.36 4.61 7.62
CA LEU A 233 10.35 3.70 8.18
C LEU A 233 9.38 3.28 7.09
N ASN A 234 8.88 2.05 7.21
CA ASN A 234 7.86 1.50 6.31
C ASN A 234 6.69 1.04 7.18
N ALA A 235 5.64 1.86 7.27
CA ALA A 235 4.45 1.50 8.02
C ALA A 235 3.53 0.72 7.11
N GLY A 236 3.15 -0.49 7.51
CA GLY A 236 2.37 -1.34 6.64
C GLY A 236 1.37 -2.19 7.39
N LEU A 237 0.42 -2.71 6.63
CA LEU A 237 -0.59 -3.62 7.18
C LEU A 237 0.05 -4.96 7.49
N ASP A 238 -0.45 -5.62 8.53
CA ASP A 238 0.01 -6.94 8.88
C ASP A 238 -0.27 -7.88 7.71
N PRO A 239 0.71 -8.68 7.26
CA PRO A 239 0.48 -9.57 6.12
C PRO A 239 -0.71 -10.49 6.30
N ARG A 240 -1.00 -10.93 7.54
CA ARG A 240 -2.16 -11.77 7.78
C ARG A 240 -3.49 -11.07 7.54
N LEU A 241 -3.48 -9.74 7.36
CA LEU A 241 -4.70 -8.99 7.08
C LEU A 241 -4.92 -8.76 5.59
N GLY A 242 -3.95 -9.05 4.75
CA GLY A 242 -4.10 -8.84 3.32
C GLY A 242 -5.12 -9.77 2.71
N LYS A 243 -5.53 -9.42 1.49
CA LYS A 243 -6.52 -10.19 0.74
C LYS A 243 -5.96 -11.47 0.14
N TYR A 244 -4.63 -11.62 0.05
CA TYR A 244 -4.05 -12.77 -0.62
C TYR A 244 -2.85 -13.33 0.13
N HIS A 245 -2.86 -13.24 1.46
CA HIS A 245 -1.77 -13.79 2.26
C HIS A 245 -1.66 -15.30 2.05
N LEU A 246 -2.63 -16.04 2.57
CA LEU A 246 -2.65 -17.48 2.37
C LEU A 246 -3.33 -17.83 1.05
N THR A 247 -3.13 -19.07 0.62
CA THR A 247 -3.73 -19.56 -0.61
C THR A 247 -5.16 -20.02 -0.32
N ALA A 248 -6.13 -19.42 -1.01
CA ALA A 248 -7.53 -19.75 -0.78
C ALA A 248 -8.28 -19.66 -2.12
N CYS A 249 -9.55 -20.05 -2.08
CA CYS A 249 -10.38 -20.03 -3.27
C CYS A 249 -10.88 -18.62 -3.53
N SER A 250 -11.19 -18.35 -4.80
CA SER A 250 -11.69 -17.04 -5.21
C SER A 250 -13.20 -16.90 -5.07
N ARG A 251 -13.91 -17.99 -4.79
CA ARG A 251 -15.37 -17.95 -4.64
C ARG A 251 -15.80 -18.29 -3.22
N CYS A 252 -15.46 -19.47 -2.71
CA CYS A 252 -15.80 -19.85 -1.34
C CYS A 252 -14.81 -19.34 -0.32
N TYR A 253 -13.65 -18.86 -0.75
CA TYR A 253 -12.63 -18.28 0.15
C TYR A 253 -12.14 -19.28 1.19
N THR A 254 -12.17 -20.58 0.86
CA THR A 254 -11.66 -21.59 1.76
C THR A 254 -10.14 -21.70 1.61
N LYS A 255 -9.43 -21.64 2.74
CA LYS A 255 -7.98 -21.69 2.72
C LYS A 255 -7.50 -23.11 2.46
N TYR A 256 -6.62 -23.27 1.48
CA TYR A 256 -6.01 -24.55 1.15
C TYR A 256 -4.51 -24.41 1.19
N THR A 257 -3.83 -25.42 1.72
CA THR A 257 -2.38 -25.44 1.73
C THR A 257 -1.85 -25.57 0.31
N LEU A 258 -0.57 -25.23 0.14
CA LEU A 258 0.07 -25.35 -1.17
C LEU A 258 0.08 -26.81 -1.62
N GLN A 259 0.32 -27.74 -0.69
CA GLN A 259 0.28 -29.16 -1.02
C GLN A 259 -1.10 -29.58 -1.49
N ASP A 260 -2.14 -29.21 -0.72
CA ASP A 260 -3.51 -29.51 -1.13
C ASP A 260 -3.88 -28.77 -2.41
N ALA A 261 -3.33 -27.57 -2.62
CA ALA A 261 -3.59 -26.85 -3.86
C ALA A 261 -3.05 -27.62 -5.06
N VAL A 262 -1.80 -28.07 -4.99
CA VAL A 262 -1.23 -28.85 -6.08
C VAL A 262 -1.97 -30.18 -6.25
N SER A 263 -2.44 -30.76 -5.14
CA SER A 263 -3.16 -32.03 -5.21
C SER A 263 -4.49 -31.85 -5.95
N LEU A 264 -5.24 -30.80 -5.60
CA LEU A 264 -6.51 -30.52 -6.25
C LEU A 264 -6.34 -29.83 -7.60
N SER A 265 -5.12 -29.50 -8.00
CA SER A 265 -4.84 -28.89 -9.30
C SER A 265 -5.54 -27.54 -9.46
N TRP A 266 -5.58 -26.76 -8.37
CA TRP A 266 -6.20 -25.44 -8.35
C TRP A 266 -7.69 -25.50 -8.67
N LYS A 267 -8.34 -26.61 -8.34
CA LYS A 267 -9.77 -26.78 -8.53
C LYS A 267 -10.40 -26.95 -7.16
N CYS A 268 -11.28 -26.03 -6.79
CA CYS A 268 -11.92 -26.09 -5.48
C CYS A 268 -12.84 -27.30 -5.42
N PRO A 269 -12.69 -28.18 -4.41
CA PRO A 269 -13.54 -29.37 -4.33
C PRO A 269 -14.98 -29.06 -3.94
N LYS A 270 -15.18 -28.43 -2.79
CA LYS A 270 -16.52 -28.13 -2.27
C LYS A 270 -17.03 -26.77 -2.70
N CYS A 271 -16.72 -26.33 -3.92
CA CYS A 271 -17.16 -25.04 -4.40
C CYS A 271 -17.02 -24.95 -5.92
N GLY A 272 -15.89 -25.42 -6.43
CA GLY A 272 -15.58 -25.27 -7.83
C GLY A 272 -14.88 -23.97 -8.19
N GLY A 273 -14.47 -23.19 -7.20
CA GLY A 273 -13.78 -21.94 -7.47
C GLY A 273 -12.36 -22.17 -7.96
N ILE A 274 -11.76 -21.10 -8.47
CA ILE A 274 -10.37 -21.11 -8.93
C ILE A 274 -9.53 -20.61 -7.77
N ILE A 275 -8.97 -21.54 -7.00
CA ILE A 275 -8.12 -21.19 -5.88
C ILE A 275 -6.83 -20.58 -6.40
N LYS A 276 -6.47 -19.41 -5.87
CA LYS A 276 -5.30 -18.67 -6.29
C LYS A 276 -4.21 -18.72 -5.23
N LYS A 277 -2.97 -18.79 -5.67
CA LYS A 277 -1.83 -18.99 -4.78
C LYS A 277 -1.56 -17.72 -3.98
N GLY A 278 -1.59 -17.84 -2.66
CA GLY A 278 -1.31 -16.71 -1.80
C GLY A 278 0.14 -16.23 -1.93
N VAL A 279 0.38 -15.06 -1.36
CA VAL A 279 1.71 -14.46 -1.47
C VAL A 279 2.72 -15.21 -0.61
N ARG A 280 2.26 -15.79 0.51
CA ARG A 280 3.17 -16.51 1.39
C ARG A 280 3.75 -17.74 0.69
N ASP A 281 2.87 -18.53 0.07
CA ASP A 281 3.34 -19.71 -0.65
C ASP A 281 4.19 -19.34 -1.86
N ARG A 282 3.86 -18.23 -2.54
CA ARG A 282 4.68 -17.77 -3.65
C ARG A 282 6.09 -17.41 -3.18
N ILE A 283 6.18 -16.66 -2.09
CA ILE A 283 7.49 -16.28 -1.56
C ILE A 283 8.27 -17.52 -1.11
N LEU A 284 7.57 -18.48 -0.51
CA LEU A 284 8.24 -19.73 -0.12
C LEU A 284 8.74 -20.48 -1.34
N GLU A 285 7.99 -20.43 -2.45
CA GLU A 285 8.45 -21.02 -3.70
C GLU A 285 9.72 -20.33 -4.19
N LEU A 286 9.73 -19.00 -4.16
CA LEU A 286 10.91 -18.22 -4.57
C LEU A 286 11.87 -17.96 -3.42
N ALA A 287 12.12 -18.96 -2.58
CA ALA A 287 13.02 -18.80 -1.45
C ALA A 287 14.47 -18.83 -1.93
N ASP A 288 15.23 -17.80 -1.56
CA ASP A 288 16.63 -17.70 -1.95
C ASP A 288 17.56 -17.97 -0.77
N THR A 289 17.69 -16.98 0.13
CA THR A 289 18.55 -17.10 1.29
C THR A 289 17.81 -16.66 2.54
N SER A 290 18.22 -17.21 3.68
CA SER A 290 17.63 -16.86 4.97
C SER A 290 18.18 -15.56 5.54
N GLU A 291 19.14 -14.95 4.85
CA GLU A 291 19.76 -13.72 5.33
C GLU A 291 19.05 -12.50 4.74
N LYS A 292 19.23 -11.36 5.39
CA LYS A 292 18.61 -10.11 4.98
C LYS A 292 19.57 -8.98 5.30
N PRO A 293 19.57 -7.91 4.51
CA PRO A 293 20.57 -6.84 4.71
C PRO A 293 20.27 -6.02 5.97
N LYS A 294 21.31 -5.31 6.41
CA LYS A 294 21.23 -4.47 7.60
C LYS A 294 20.63 -3.09 7.30
N ASP A 295 20.91 -2.52 6.13
CA ASP A 295 20.40 -1.19 5.79
C ASP A 295 18.89 -1.19 5.53
N ARG A 296 18.21 -2.31 5.69
CA ARG A 296 16.78 -2.35 5.47
C ARG A 296 16.07 -1.61 6.60
N PRO A 297 15.21 -0.65 6.29
CA PRO A 297 14.49 0.08 7.35
C PRO A 297 13.47 -0.84 8.02
N PRO A 298 13.05 -0.52 9.24
CA PRO A 298 12.10 -1.37 9.94
C PRO A 298 10.70 -1.25 9.35
N TYR A 299 9.96 -2.36 9.43
CA TYR A 299 8.58 -2.46 8.96
C TYR A 299 7.70 -2.72 10.16
N VAL A 300 6.86 -1.75 10.51
CA VAL A 300 5.98 -1.87 11.67
C VAL A 300 4.63 -2.40 11.22
N ARG A 301 4.30 -3.62 11.63
CA ARG A 301 3.02 -4.23 11.30
C ARG A 301 1.91 -3.52 12.08
N LEU A 302 1.10 -2.73 11.39
CA LEU A 302 0.00 -2.01 12.00
C LEU A 302 -1.32 -2.46 11.41
N ALA A 303 -2.39 -2.24 12.17
CA ALA A 303 -3.75 -2.53 11.76
C ALA A 303 -4.55 -1.24 11.66
N PRO A 304 -5.55 -1.17 10.78
CA PRO A 304 -6.35 0.05 10.69
C PRO A 304 -7.09 0.33 11.98
N LEU A 305 -6.90 1.54 12.50
CA LEU A 305 -7.57 1.92 13.75
C LEU A 305 -9.08 1.84 13.63
N ALA A 306 -9.62 2.12 12.44
CA ALA A 306 -11.06 2.03 12.24
C ALA A 306 -11.56 0.60 12.47
N GLU A 307 -10.85 -0.40 11.93
CA GLU A 307 -11.26 -1.78 12.16
C GLU A 307 -11.12 -2.18 13.62
N ILE A 308 -10.12 -1.64 14.32
CA ILE A 308 -9.99 -1.92 15.75
C ILE A 308 -11.20 -1.36 16.51
N ILE A 309 -11.58 -0.13 16.21
CA ILE A 309 -12.75 0.47 16.85
C ILE A 309 -14.00 -0.33 16.52
N ALA A 310 -14.11 -0.79 15.28
CA ALA A 310 -15.29 -1.56 14.87
C ALA A 310 -15.36 -2.89 15.61
N MET A 311 -14.23 -3.58 15.75
CA MET A 311 -14.24 -4.87 16.45
C MET A 311 -14.38 -4.71 17.95
N VAL A 312 -14.00 -3.55 18.51
CA VAL A 312 -14.21 -3.32 19.93
C VAL A 312 -15.65 -2.96 20.23
N LEU A 313 -16.24 -2.08 19.42
CA LEU A 313 -17.62 -1.67 19.65
C LEU A 313 -18.64 -2.71 19.23
N GLY A 314 -18.19 -3.81 18.62
CA GLY A 314 -19.13 -4.82 18.14
C GLY A 314 -20.04 -4.32 17.04
N LYS A 315 -19.57 -3.38 16.22
CA LYS A 315 -20.35 -2.81 15.15
C LYS A 315 -19.57 -2.87 13.85
N GLY A 316 -20.23 -2.48 12.77
CA GLY A 316 -19.61 -2.53 11.45
C GLY A 316 -18.50 -1.51 11.29
N ILE A 317 -17.79 -1.66 10.17
CA ILE A 317 -16.65 -0.79 9.89
C ILE A 317 -17.12 0.61 9.48
N GLU A 318 -18.25 0.70 8.78
CA GLU A 318 -18.76 1.98 8.29
C GLU A 318 -19.86 2.55 9.18
N SER A 319 -19.98 2.07 10.40
CA SER A 319 -21.02 2.56 11.30
C SER A 319 -20.69 3.97 11.78
N LYS A 320 -21.70 4.63 12.36
CA LYS A 320 -21.52 6.01 12.79
C LYS A 320 -20.81 6.12 14.13
N ALA A 321 -21.03 5.16 15.03
CA ALA A 321 -20.36 5.20 16.33
C ALA A 321 -18.85 5.07 16.18
N VAL A 322 -18.40 4.16 15.30
CA VAL A 322 -16.98 4.00 15.08
C VAL A 322 -16.40 5.24 14.41
N LYS A 323 -17.17 5.89 13.52
CA LYS A 323 -16.70 7.13 12.91
C LYS A 323 -16.54 8.22 13.95
N LEU A 324 -17.51 8.33 14.88
CA LEU A 324 -17.41 9.34 15.93
C LEU A 324 -16.21 9.08 16.83
N LEU A 325 -15.98 7.81 17.20
CA LEU A 325 -14.84 7.49 18.05
C LEU A 325 -13.53 7.77 17.32
N TRP A 326 -13.45 7.44 16.03
CA TRP A 326 -12.25 7.69 15.26
C TRP A 326 -11.99 9.19 15.15
N ASN A 327 -13.04 9.99 14.94
CA ASN A 327 -12.86 11.44 14.87
C ASN A 327 -12.41 12.01 16.20
N ARG A 328 -12.99 11.53 17.31
CA ARG A 328 -12.57 12.02 18.61
C ARG A 328 -11.13 11.65 18.92
N PHE A 329 -10.70 10.44 18.53
CA PHE A 329 -9.32 10.05 18.72
C PHE A 329 -8.37 10.90 17.89
N LEU A 330 -8.71 11.14 16.61
CA LEU A 330 -7.84 11.94 15.76
C LEU A 330 -7.83 13.40 16.17
N ARG A 331 -8.88 13.87 16.83
CA ARG A 331 -8.87 15.23 17.37
C ARG A 331 -7.99 15.31 18.62
N GLU A 332 -8.12 14.34 19.52
CA GLU A 332 -7.37 14.38 20.77
C GLU A 332 -5.88 14.22 20.55
N PHE A 333 -5.48 13.44 19.54
CA PHE A 333 -4.08 13.15 19.30
C PHE A 333 -3.70 13.54 17.87
N GLY A 334 -2.63 12.95 17.36
CA GLY A 334 -2.11 13.30 16.05
C GLY A 334 -2.66 12.47 14.92
N SER A 335 -2.05 11.31 14.66
CA SER A 335 -2.42 10.45 13.54
C SER A 335 -2.79 9.05 14.03
N GLU A 336 -3.12 8.17 13.09
CA GLU A 336 -3.45 6.80 13.45
C GLU A 336 -2.25 6.07 14.04
N ILE A 337 -1.08 6.21 13.41
CA ILE A 337 0.11 5.47 13.85
C ILE A 337 0.48 5.83 15.29
N ARG A 338 0.27 7.10 15.67
CA ARG A 338 0.55 7.51 17.04
C ARG A 338 -0.25 6.69 18.04
N VAL A 339 -1.58 6.63 17.85
CA VAL A 339 -2.43 5.88 18.76
C VAL A 339 -2.16 4.39 18.66
N LEU A 340 -1.74 3.91 17.49
CA LEU A 340 -1.56 2.48 17.30
C LEU A 340 -0.29 1.96 17.98
N ILE A 341 0.82 2.70 17.86
CA ILE A 341 2.12 2.24 18.34
C ILE A 341 2.71 3.18 19.38
N ASP A 342 2.80 4.47 19.06
CA ASP A 342 3.60 5.38 19.87
C ASP A 342 2.89 5.81 21.15
N LEU A 343 1.57 5.98 21.10
CA LEU A 343 0.85 6.50 22.26
C LEU A 343 0.76 5.45 23.35
N PRO A 344 1.02 5.81 24.61
CA PRO A 344 0.91 4.83 25.70
C PRO A 344 -0.53 4.43 25.95
N ILE A 345 -0.68 3.24 26.54
CA ILE A 345 -2.01 2.68 26.76
C ILE A 345 -2.81 3.51 27.76
N GLU A 346 -2.13 4.07 28.76
CA GLU A 346 -2.82 4.88 29.76
C GLU A 346 -3.41 6.14 29.17
N SER A 347 -2.74 6.73 28.17
CA SER A 347 -3.29 7.91 27.51
C SER A 347 -4.45 7.54 26.61
N ILE A 348 -4.38 6.37 25.96
CA ILE A 348 -5.49 5.91 25.14
C ILE A 348 -6.72 5.61 26.00
N ALA A 349 -6.51 5.10 27.22
CA ALA A 349 -7.62 4.78 28.10
C ALA A 349 -8.40 6.03 28.52
N SER A 350 -7.81 7.23 28.36
CA SER A 350 -8.54 8.45 28.66
C SER A 350 -9.74 8.65 27.74
N VAL A 351 -9.65 8.16 26.50
CA VAL A 351 -10.74 8.29 25.55
C VAL A 351 -11.67 7.08 25.61
N HIS A 352 -11.10 5.88 25.56
CA HIS A 352 -11.89 4.65 25.65
C HIS A 352 -11.02 3.55 26.23
N GLU A 353 -11.61 2.77 27.14
CA GLU A 353 -10.84 1.72 27.83
C GLU A 353 -10.68 0.48 26.98
N GLY A 354 -11.78 0.00 26.37
CA GLY A 354 -11.71 -1.19 25.56
C GLY A 354 -10.79 -1.03 24.35
N VAL A 355 -10.79 0.16 23.75
CA VAL A 355 -9.89 0.41 22.62
C VAL A 355 -8.44 0.37 23.07
N ALA A 356 -8.15 0.94 24.23
CA ALA A 356 -6.79 0.90 24.76
C ALA A 356 -6.36 -0.53 25.06
N LYS A 357 -7.27 -1.33 25.61
CA LYS A 357 -6.94 -2.73 25.88
C LYS A 357 -6.70 -3.51 24.60
N ALA A 358 -7.50 -3.24 23.56
CA ALA A 358 -7.28 -3.91 22.28
C ALA A 358 -5.95 -3.50 21.66
N ILE A 359 -5.59 -2.22 21.78
CA ILE A 359 -4.30 -1.77 21.25
C ILE A 359 -3.15 -2.39 22.02
N TRP A 360 -3.30 -2.55 23.34
CA TRP A 360 -2.29 -3.25 24.13
C TRP A 360 -2.15 -4.69 23.67
N ALA A 361 -3.29 -5.37 23.46
CA ALA A 361 -3.23 -6.76 22.99
C ALA A 361 -2.60 -6.86 21.61
N TYR A 362 -2.80 -5.84 20.77
CA TYR A 362 -2.18 -5.85 19.45
C TYR A 362 -0.67 -5.61 19.53
N ARG A 363 -0.25 -4.71 20.42
CA ARG A 363 1.19 -4.48 20.60
C ARG A 363 1.86 -5.72 21.16
N ASN A 364 1.24 -6.38 22.14
CA ASN A 364 1.78 -7.60 22.71
C ASN A 364 1.42 -8.85 21.89
N ASN A 365 0.76 -8.68 20.75
CA ASN A 365 0.47 -9.75 19.80
C ASN A 365 -0.44 -10.84 20.38
N LYS A 366 -1.17 -10.53 21.44
CA LYS A 366 -2.17 -11.45 21.97
C LYS A 366 -3.53 -11.30 21.32
N LEU A 367 -3.60 -10.57 20.21
CA LEU A 367 -4.85 -10.39 19.47
C LEU A 367 -4.99 -11.50 18.45
N ILE A 368 -6.13 -12.20 18.47
CA ILE A 368 -6.34 -13.30 17.56
C ILE A 368 -6.53 -12.76 16.15
N ILE A 369 -5.78 -13.32 15.19
CA ILE A 369 -5.82 -12.90 13.80
C ILE A 369 -6.05 -14.11 12.93
N VAL A 370 -7.15 -14.12 12.18
CA VAL A 370 -7.44 -15.15 11.20
C VAL A 370 -7.03 -14.62 9.83
N PRO A 371 -6.11 -15.27 9.12
CA PRO A 371 -5.60 -14.70 7.86
C PRO A 371 -6.67 -14.68 6.78
N GLY A 372 -6.37 -13.94 5.72
CA GLY A 372 -7.24 -13.84 4.58
C GLY A 372 -6.54 -14.26 3.30
N GLY A 373 -7.32 -14.75 2.35
CA GLY A 373 -6.77 -15.20 1.08
C GLY A 373 -7.84 -15.31 0.03
N GLY A 374 -7.41 -15.23 -1.23
CA GLY A 374 -8.32 -15.34 -2.35
C GLY A 374 -9.21 -14.14 -2.60
N GLY A 375 -9.04 -13.06 -1.85
CA GLY A 375 -9.87 -11.88 -2.04
C GLY A 375 -10.52 -11.40 -0.76
N LYS A 376 -10.40 -12.18 0.32
CA LYS A 376 -10.97 -11.85 1.61
C LYS A 376 -9.89 -11.28 2.51
N TYR A 377 -10.21 -10.20 3.21
CA TYR A 377 -9.29 -9.60 4.16
C TYR A 377 -9.21 -10.43 5.43
N GLY A 378 -8.05 -10.38 6.08
CA GLY A 378 -7.91 -11.03 7.36
C GLY A 378 -8.74 -10.35 8.43
N GLU A 379 -9.19 -11.14 9.39
CA GLU A 379 -10.07 -10.65 10.45
C GLU A 379 -9.35 -10.71 11.79
N ILE A 380 -9.77 -9.82 12.71
CA ILE A 380 -9.18 -9.70 14.03
C ILE A 380 -10.26 -9.91 15.08
N ARG A 381 -9.92 -10.61 16.15
CA ARG A 381 -10.83 -10.88 17.25
C ARG A 381 -10.04 -10.87 18.55
N ILE A 382 -10.61 -10.25 19.58
CA ILE A 382 -9.94 -10.12 20.87
C ILE A 382 -10.43 -11.24 21.80
N PRO A 383 -9.55 -11.85 22.59
CA PRO A 383 -10.00 -12.85 23.57
C PRO A 383 -10.91 -12.22 24.61
N GLU A 384 -11.61 -13.09 25.34
CA GLU A 384 -12.56 -12.62 26.36
C GLU A 384 -11.84 -12.17 27.62
N GLU A 385 -10.77 -12.87 28.01
CA GLU A 385 -10.05 -12.51 29.23
C GLU A 385 -9.33 -11.17 29.10
N ILE A 386 -9.01 -10.75 27.88
CA ILE A 386 -8.39 -9.44 27.69
C ILE A 386 -9.43 -8.33 27.83
N LEU A 387 -10.67 -8.57 27.40
CA LEU A 387 -11.70 -7.56 27.50
C LEU A 387 -12.28 -7.46 28.91
N LYS A 388 -12.47 -8.60 29.57
CA LYS A 388 -13.09 -8.57 30.90
C LYS A 388 -12.13 -8.10 31.99
N ALA A 389 -10.83 -8.12 31.73
CA ALA A 389 -9.86 -7.69 32.73
C ALA A 389 -9.67 -6.18 32.70
N LYS A 390 -8.99 -5.66 33.73
CA LYS A 390 -8.72 -4.23 33.81
C LYS A 390 -7.48 -3.87 33.00
N ILE A 391 -6.63 -3.00 33.54
CA ILE A 391 -5.44 -2.52 32.85
C ILE A 391 -4.17 -2.79 33.65
N GLU A 392 -4.24 -2.64 34.98
CA GLU A 392 -3.05 -2.84 35.80
C GLU A 392 -2.64 -4.31 35.84
N ASP A 393 -3.60 -5.20 36.04
CA ASP A 393 -3.34 -6.64 36.05
C ASP A 393 -3.16 -7.21 34.65
N LEU A 394 -3.12 -6.37 33.63
CA LEU A 394 -3.01 -6.86 32.25
C LEU A 394 -1.57 -7.24 31.91
N ASN A 395 -0.63 -6.32 32.14
CA ASN A 395 0.77 -6.58 31.85
C ASN A 395 1.55 -6.98 33.10
O5' 3DR C 14 -5.48 -3.25 -6.04
P 3DR C 14 -6.06 -3.28 -7.52
OP1 3DR C 14 -6.49 -1.91 -7.84
OP2 3DR C 14 -4.99 -3.95 -8.30
C2' 3DR C 14 -6.23 -2.48 -2.35
C5' 3DR C 14 -5.37 -4.46 -5.30
C4' 3DR C 14 -5.97 -4.27 -3.92
O4' 3DR C 14 -4.90 -4.31 -2.93
C1' 3DR C 14 -4.83 -3.06 -2.28
C3' 3DR C 14 -6.69 -2.94 -3.73
O3' 3DR C 14 -8.10 -3.13 -3.81
ZN ZN D . -14.28 -22.63 -4.00
ZN ZN E . -2.85 -2.18 -8.71
MG MG F . 1.90 -4.99 4.37
#